data_7COV
#
_entry.id   7COV
#
_cell.length_a   69.869
_cell.length_b   120.535
_cell.length_c   174.381
_cell.angle_alpha   90.000
_cell.angle_beta   90.000
_cell.angle_gamma   90.000
#
_symmetry.space_group_name_H-M   'C 2 2 21'
#
loop_
_entity.id
_entity.type
_entity.pdbx_description
1 polymer '4-alpha-glucanotransferase, chloroplastic/amyloplastic'
2 non-polymer 'CALCIUM ION'
3 non-polymer GLYCEROL
4 water water
#
_entity_poly.entity_id   1
_entity_poly.type   'polypeptide(L)'
_entity_poly.pdbx_seq_one_letter_code
;MAIHTCFSLIPSSFSSPKLPYPKNTTFQSPIPKLSRPTFMFDRKGSFQNGTAAVPAVGEDFPIDYADWLPKRDPNDRRRA
GILLHPTSFPGPYGIGDLGPQAFKFLDWLHLAGCSLWQVLPLVPPGKRGNEDGSPYSGQDANCGNTLLISLEELVDDGLL
KMEELPEPLPTDRVNYSTISEIKDPLITKAAKRLLSSEGELKDQLENFRRDPNISSWLEDAAYFAAIDNSVNTISWYDWP
EPLKNRHLAALEEVYQSEKDFIDIFIAQQFLFQRQWKKVRDYARSKGISIMGDMPIYVGYHSADVWANKKQFLLNRKGFP
LIVSGVPPDAFSETGQLWGSPLYDWKAMEKDGFSWWVRRIQRATDLFDEFRIDHFRGFAGFWAVPSEEKIAILGRWKVGP
GKPLFDAILQAVGKINIIAEDLGVITEDVVQLRKSIEAPGMAVLQFAFGSDAENPHLPHNHEQNQVVYTGTHDNDTIRGW
WDTLPQEEKSNVLKYLSNIEEEEISRGLIEGAVSSVARIAIIPMQDVLGLGSDSRMNIPATQFGNWSWRIPSSTSFDNLD
AEAKKLRDILATYGRL
;
_entity_poly.pdbx_strand_id   A
#
# COMPACT_ATOMS: atom_id res chain seq x y z
N VAL A 54 5.02 -45.03 -3.53
CA VAL A 54 6.11 -45.92 -2.99
C VAL A 54 5.63 -47.37 -3.03
N PRO A 55 6.53 -48.37 -3.09
CA PRO A 55 6.13 -49.77 -3.16
C PRO A 55 5.43 -50.20 -1.86
N ALA A 56 5.06 -51.46 -1.78
CA ALA A 56 4.29 -52.02 -0.65
C ALA A 56 5.19 -52.16 0.59
N VAL A 57 4.58 -52.10 1.77
CA VAL A 57 5.35 -52.19 3.06
C VAL A 57 6.19 -53.47 3.04
N GLY A 58 7.49 -53.28 3.26
CA GLY A 58 8.47 -54.34 3.43
C GLY A 58 9.25 -54.61 2.14
N GLU A 59 8.81 -54.02 1.02
CA GLU A 59 9.47 -54.27 -0.29
C GLU A 59 10.62 -53.32 -0.48
N ASP A 60 11.46 -53.59 -1.48
CA ASP A 60 12.61 -52.75 -1.79
C ASP A 60 12.13 -51.42 -2.36
N PHE A 61 12.77 -50.34 -1.95
CA PHE A 61 12.76 -49.04 -2.63
C PHE A 61 13.77 -49.13 -3.77
N PRO A 62 13.77 -48.18 -4.74
CA PRO A 62 14.88 -48.07 -5.68
C PRO A 62 16.23 -47.89 -5.00
N ILE A 63 17.28 -48.17 -5.76
CA ILE A 63 18.69 -48.17 -5.26
C ILE A 63 19.08 -46.73 -4.92
N ASP A 64 18.38 -45.76 -5.49
CA ASP A 64 18.73 -44.31 -5.41
C ASP A 64 17.88 -43.61 -4.34
N TYR A 65 17.27 -44.36 -3.41
CA TYR A 65 16.33 -43.85 -2.36
C TYR A 65 16.95 -42.68 -1.59
N ALA A 66 18.20 -42.80 -1.18
CA ALA A 66 18.91 -41.82 -0.34
C ALA A 66 19.11 -40.48 -1.07
N ASP A 67 18.79 -40.40 -2.38
CA ASP A 67 18.89 -39.16 -3.21
C ASP A 67 17.61 -38.33 -3.11
N TRP A 68 16.52 -38.93 -2.67
CA TRP A 68 15.23 -38.22 -2.45
C TRP A 68 15.31 -37.25 -1.24
N LEU A 69 16.09 -36.18 -1.33
CA LEU A 69 16.33 -35.24 -0.19
C LEU A 69 15.16 -34.27 -0.05
N PRO A 70 14.93 -33.72 1.15
CA PRO A 70 13.69 -32.98 1.41
C PRO A 70 13.58 -31.72 0.53
N LYS A 71 12.37 -31.41 0.08
CA LYS A 71 12.08 -30.30 -0.87
C LYS A 71 11.96 -28.97 -0.11
N ARG A 72 12.76 -27.97 -0.48
CA ARG A 72 12.58 -26.55 -0.06
C ARG A 72 11.62 -25.87 -1.05
N ASP A 73 10.41 -25.54 -0.61
CA ASP A 73 9.41 -24.81 -1.45
C ASP A 73 9.93 -23.38 -1.64
N PRO A 74 10.12 -22.88 -2.90
CA PRO A 74 10.58 -21.50 -3.14
C PRO A 74 9.68 -20.42 -2.49
N ASN A 75 8.41 -20.74 -2.25
CA ASN A 75 7.44 -19.86 -1.53
C ASN A 75 7.89 -19.60 -0.07
N ASP A 76 8.70 -20.49 0.50
CA ASP A 76 9.17 -20.37 1.90
C ASP A 76 10.52 -19.64 1.98
N ARG A 77 11.10 -19.20 0.85
CA ARG A 77 12.46 -18.58 0.80
C ARG A 77 12.46 -17.42 1.80
N ARG A 78 13.50 -17.29 2.59
CA ARG A 78 13.64 -16.19 3.54
C ARG A 78 14.12 -14.94 2.80
N ARG A 79 13.46 -13.80 3.03
CA ARG A 79 13.76 -12.58 2.26
C ARG A 79 13.81 -11.40 3.23
N ALA A 80 14.47 -10.35 2.81
CA ALA A 80 14.49 -9.05 3.53
C ALA A 80 14.10 -7.95 2.55
N GLY A 81 13.45 -6.93 3.09
CA GLY A 81 13.04 -5.76 2.30
C GLY A 81 13.11 -4.48 3.09
N ILE A 82 12.91 -3.38 2.37
CA ILE A 82 12.96 -2.01 2.91
C ILE A 82 11.60 -1.41 2.63
N LEU A 83 11.01 -0.80 3.64
CA LEU A 83 9.83 0.06 3.49
C LEU A 83 10.25 1.48 3.12
N LEU A 84 9.85 1.94 1.94
CA LEU A 84 10.17 3.30 1.44
C LEU A 84 9.07 3.65 0.43
N HIS A 85 8.23 4.61 0.79
CA HIS A 85 7.22 5.10 -0.16
C HIS A 85 7.94 5.99 -1.17
N PRO A 86 7.58 5.90 -2.46
CA PRO A 86 8.35 6.65 -3.45
C PRO A 86 8.27 8.18 -3.30
N THR A 87 7.26 8.74 -2.64
CA THR A 87 7.23 10.19 -2.34
C THR A 87 8.49 10.60 -1.55
N SER A 88 9.07 9.66 -0.79
CA SER A 88 10.21 9.86 0.12
C SER A 88 11.53 9.90 -0.66
N PHE A 89 11.57 9.54 -1.93
CA PHE A 89 12.79 9.61 -2.74
C PHE A 89 13.24 11.06 -2.78
N PRO A 90 14.56 11.30 -2.79
CA PRO A 90 15.05 12.68 -2.90
C PRO A 90 14.87 13.14 -4.34
N GLY A 91 15.20 14.41 -4.54
CA GLY A 91 15.26 15.00 -5.87
C GLY A 91 14.72 16.41 -5.84
N PRO A 92 14.78 17.09 -6.99
CA PRO A 92 14.56 18.54 -7.02
C PRO A 92 13.15 19.06 -7.23
N TYR A 93 12.12 18.20 -7.20
CA TYR A 93 10.75 18.61 -7.66
C TYR A 93 9.70 18.43 -6.59
N GLY A 94 10.08 18.50 -5.32
CA GLY A 94 9.13 18.74 -4.25
C GLY A 94 8.56 17.44 -3.74
N ILE A 95 8.80 16.36 -4.47
CA ILE A 95 8.22 15.02 -4.12
C ILE A 95 9.02 13.97 -4.90
N GLY A 96 9.19 12.80 -4.29
CA GLY A 96 9.82 11.63 -4.91
C GLY A 96 8.97 11.18 -6.09
N ASP A 97 9.59 10.55 -7.08
CA ASP A 97 8.86 10.14 -8.31
C ASP A 97 9.41 8.82 -8.84
N LEU A 98 8.81 8.33 -9.91
CA LEU A 98 9.18 7.02 -10.48
C LEU A 98 10.31 7.20 -11.53
N GLY A 99 11.18 8.20 -11.33
CA GLY A 99 12.24 8.50 -12.28
C GLY A 99 13.59 8.01 -11.79
N PRO A 100 14.66 8.76 -12.16
CA PRO A 100 16.03 8.31 -11.88
C PRO A 100 16.27 7.79 -10.45
N GLN A 101 15.70 8.39 -9.40
CA GLN A 101 15.94 7.96 -7.99
C GLN A 101 15.35 6.57 -7.74
N ALA A 102 14.26 6.19 -8.42
CA ALA A 102 13.64 4.87 -8.22
C ALA A 102 14.69 3.81 -8.61
N PHE A 103 15.37 4.02 -9.74
CA PHE A 103 16.38 3.08 -10.27
C PHE A 103 17.61 3.10 -9.36
N LYS A 104 18.04 4.25 -8.88
CA LYS A 104 19.19 4.29 -7.95
C LYS A 104 18.84 3.58 -6.64
N PHE A 105 17.60 3.75 -6.17
CA PHE A 105 17.12 3.04 -4.97
C PHE A 105 17.23 1.54 -5.19
N LEU A 106 16.69 1.04 -6.31
CA LEU A 106 16.66 -0.42 -6.58
C LEU A 106 18.08 -0.94 -6.73
N ASP A 107 19.00 -0.15 -7.28
CA ASP A 107 20.43 -0.57 -7.32
C ASP A 107 20.98 -0.69 -5.88
N TRP A 108 20.66 0.26 -4.99
CA TRP A 108 21.10 0.21 -3.59
C TRP A 108 20.49 -1.02 -2.90
N LEU A 109 19.21 -1.29 -3.12
CA LEU A 109 18.54 -2.48 -2.49
C LEU A 109 19.24 -3.79 -2.93
N HIS A 110 19.60 -3.87 -4.20
CA HIS A 110 20.31 -5.01 -4.80
C HIS A 110 21.70 -5.13 -4.16
N LEU A 111 22.42 -4.03 -4.02
CA LEU A 111 23.74 -4.01 -3.35
C LEU A 111 23.59 -4.47 -1.91
N ALA A 112 22.48 -4.14 -1.25
CA ALA A 112 22.23 -4.51 0.16
C ALA A 112 21.80 -5.98 0.29
N GLY A 113 21.50 -6.67 -0.78
CA GLY A 113 21.02 -8.06 -0.76
C GLY A 113 19.54 -8.20 -0.47
N CYS A 114 18.79 -7.10 -0.47
CA CYS A 114 17.32 -7.12 -0.23
C CYS A 114 16.61 -7.62 -1.48
N SER A 115 15.56 -8.42 -1.31
CA SER A 115 14.78 -9.00 -2.42
C SER A 115 13.33 -8.52 -2.38
N LEU A 116 13.03 -7.52 -1.56
CA LEU A 116 11.67 -6.95 -1.47
C LEU A 116 11.75 -5.44 -1.21
N TRP A 117 10.79 -4.77 -1.80
CA TRP A 117 10.56 -3.34 -1.58
C TRP A 117 9.09 -3.19 -1.20
N GLN A 118 8.81 -2.61 -0.04
CA GLN A 118 7.42 -2.33 0.35
C GLN A 118 7.09 -0.83 0.17
N VAL A 119 5.93 -0.56 -0.40
CA VAL A 119 5.39 0.79 -0.60
C VAL A 119 4.04 0.84 0.13
N LEU A 120 3.55 2.07 0.37
CA LEU A 120 2.19 2.33 0.83
C LEU A 120 1.30 2.26 -0.41
N PRO A 121 -0.04 2.39 -0.27
CA PRO A 121 -0.91 2.45 -1.45
C PRO A 121 -0.44 3.53 -2.43
N LEU A 122 -0.51 3.25 -3.73
CA LEU A 122 -0.02 4.18 -4.79
C LEU A 122 -1.17 5.06 -5.35
N VAL A 123 -2.34 5.00 -4.73
CA VAL A 123 -3.57 5.73 -5.17
C VAL A 123 -3.40 7.23 -5.01
N PRO A 124 -4.19 8.04 -5.73
CA PRO A 124 -4.19 9.49 -5.57
C PRO A 124 -4.71 9.79 -4.18
N PRO A 125 -3.93 10.43 -3.30
CA PRO A 125 -4.42 10.76 -1.96
C PRO A 125 -5.59 11.75 -1.93
N GLY A 126 -6.46 11.66 -0.93
CA GLY A 126 -7.49 12.69 -0.68
C GLY A 126 -6.84 14.05 -0.50
N LYS A 127 -7.35 15.08 -1.20
CA LYS A 127 -6.93 16.49 -1.06
C LYS A 127 -7.93 17.23 -0.13
N ARG A 128 -9.06 16.57 0.22
CA ARG A 128 -10.33 17.25 0.59
C ARG A 128 -10.63 17.12 2.08
N GLY A 129 -9.60 17.16 2.90
CA GLY A 129 -9.69 17.49 4.33
C GLY A 129 -8.35 17.93 4.85
N ASN A 130 -8.02 17.42 6.05
CA ASN A 130 -6.67 17.32 6.67
C ASN A 130 -6.14 15.88 6.55
N GLU A 131 -6.50 15.16 5.49
CA GLU A 131 -5.90 13.82 5.16
C GLU A 131 -4.71 14.06 4.24
N ASP A 132 -4.14 15.27 4.31
CA ASP A 132 -3.18 15.87 3.34
C ASP A 132 -2.13 14.82 3.00
N GLY A 133 -2.23 14.30 1.77
CA GLY A 133 -1.24 13.40 1.18
C GLY A 133 -1.39 12.00 1.68
N SER A 134 -2.46 11.65 2.40
CA SER A 134 -2.55 10.27 2.96
C SER A 134 -2.76 9.22 1.87
N PRO A 135 -1.88 8.19 1.73
CA PRO A 135 -2.16 7.06 0.83
C PRO A 135 -3.37 6.23 1.24
N TYR A 136 -3.86 6.38 2.50
CA TYR A 136 -4.97 5.53 3.02
C TYR A 136 -6.34 6.25 2.95
N SER A 137 -6.41 7.45 2.42
CA SER A 137 -7.64 8.25 2.13
C SER A 137 -7.76 8.54 0.64
N GLY A 138 -7.54 7.53 -0.18
CA GLY A 138 -7.42 7.76 -1.64
C GLY A 138 -8.72 8.25 -2.26
N GLN A 139 -8.60 8.86 -3.41
CA GLN A 139 -9.72 9.36 -4.26
C GLN A 139 -10.29 8.22 -5.15
N ASP A 140 -9.60 7.09 -5.24
CA ASP A 140 -9.91 5.97 -6.17
C ASP A 140 -9.09 4.80 -5.70
N ALA A 141 -9.57 3.56 -5.81
CA ALA A 141 -8.88 2.36 -5.32
C ALA A 141 -7.86 1.89 -6.36
N ASN A 142 -8.04 2.25 -7.64
CA ASN A 142 -7.35 1.60 -8.78
C ASN A 142 -6.34 2.54 -9.47
N CYS A 143 -6.63 3.83 -9.54
CA CYS A 143 -5.74 4.82 -10.19
C CYS A 143 -4.39 4.90 -9.44
N GLY A 144 -3.35 5.36 -10.14
CA GLY A 144 -2.05 5.76 -9.57
C GLY A 144 -2.04 7.22 -9.28
N ASN A 145 -1.34 7.60 -8.22
CA ASN A 145 -1.06 9.02 -7.87
C ASN A 145 -0.23 9.67 -9.00
N THR A 146 -0.79 10.64 -9.73
CA THR A 146 -0.07 11.33 -10.83
C THR A 146 1.08 12.18 -10.29
N LEU A 147 1.10 12.51 -8.99
CA LEU A 147 2.24 13.22 -8.35
C LEU A 147 3.48 12.32 -8.31
N LEU A 148 3.37 11.02 -8.52
CA LEU A 148 4.56 10.13 -8.56
C LEU A 148 5.18 10.11 -9.96
N ILE A 149 4.53 10.74 -10.95
CA ILE A 149 5.04 10.74 -12.34
C ILE A 149 6.28 11.62 -12.40
N SER A 150 7.37 11.05 -12.93
CA SER A 150 8.70 11.69 -13.09
C SER A 150 8.70 12.69 -14.24
N LEU A 151 8.93 13.96 -13.94
CA LEU A 151 9.10 15.03 -14.95
C LEU A 151 10.32 14.72 -15.82
N GLU A 152 11.41 14.17 -15.24
CA GLU A 152 12.61 13.85 -16.05
C GLU A 152 12.26 12.74 -17.06
N GLU A 153 11.55 11.69 -16.65
CA GLU A 153 11.20 10.62 -17.63
C GLU A 153 10.31 11.19 -18.75
N LEU A 154 9.41 12.11 -18.47
CA LEU A 154 8.57 12.77 -19.52
C LEU A 154 9.44 13.59 -20.47
N VAL A 155 10.53 14.22 -19.98
CA VAL A 155 11.51 14.90 -20.89
C VAL A 155 12.14 13.85 -21.81
N ASP A 156 12.63 12.73 -21.30
CA ASP A 156 13.23 11.62 -22.06
C ASP A 156 12.24 11.20 -23.14
N ASP A 157 10.94 11.23 -22.82
CA ASP A 157 9.89 10.80 -23.78
C ASP A 157 9.59 11.84 -24.84
N GLY A 158 10.06 13.07 -24.67
CA GLY A 158 9.68 14.17 -25.55
C GLY A 158 8.32 14.74 -25.23
N LEU A 159 7.72 14.42 -24.07
CA LEU A 159 6.37 14.96 -23.73
C LEU A 159 6.50 16.27 -22.98
N LEU A 160 7.68 16.54 -22.41
CA LEU A 160 7.99 17.81 -21.78
C LEU A 160 9.34 18.28 -22.32
N LYS A 161 9.52 19.59 -22.35
CA LYS A 161 10.80 20.24 -22.69
C LYS A 161 11.56 20.46 -21.40
N MET A 162 12.88 20.29 -21.43
CA MET A 162 13.73 20.61 -20.24
C MET A 162 13.40 22.01 -19.72
N GLU A 163 13.17 22.98 -20.61
CA GLU A 163 12.91 24.40 -20.23
C GLU A 163 11.61 24.48 -19.42
N GLU A 164 10.70 23.53 -19.58
CA GLU A 164 9.42 23.63 -18.84
C GLU A 164 9.57 23.15 -17.40
N LEU A 165 10.62 22.42 -17.05
CA LEU A 165 10.76 21.93 -15.65
C LEU A 165 10.94 23.09 -14.69
N PRO A 166 10.43 22.99 -13.44
CA PRO A 166 10.57 24.07 -12.47
C PRO A 166 12.05 24.15 -12.05
N GLU A 167 12.45 25.34 -11.61
CA GLU A 167 13.71 25.52 -10.86
C GLU A 167 13.62 24.65 -9.59
N PRO A 168 14.71 24.00 -9.16
CA PRO A 168 14.74 23.25 -7.89
C PRO A 168 13.95 23.81 -6.70
N LEU A 169 13.11 22.94 -6.13
CA LEU A 169 12.16 23.26 -5.04
C LEU A 169 12.80 22.80 -3.73
N PRO A 170 12.38 23.39 -2.58
CA PRO A 170 12.82 22.96 -1.24
C PRO A 170 12.69 21.43 -1.09
N THR A 171 13.76 20.79 -0.58
CA THR A 171 14.06 19.33 -0.69
C THR A 171 13.75 18.52 0.59
N ASP A 172 13.49 19.15 1.73
CA ASP A 172 13.46 18.48 3.07
C ASP A 172 12.21 17.60 3.24
N ARG A 173 11.07 18.10 2.80
CA ARG A 173 9.75 17.56 3.17
C ARG A 173 8.79 17.78 2.00
N VAL A 174 7.87 16.87 1.80
CA VAL A 174 6.76 17.09 0.81
C VAL A 174 5.84 18.18 1.38
N ASN A 175 5.60 19.25 0.61
CA ASN A 175 4.55 20.23 0.98
C ASN A 175 3.31 19.92 0.17
N TYR A 176 2.38 19.20 0.78
CA TYR A 176 1.18 18.72 0.07
C TYR A 176 0.29 19.94 -0.28
N SER A 177 0.49 21.10 0.36
CA SER A 177 -0.39 22.26 0.09
C SER A 177 0.07 22.96 -1.20
N THR A 178 1.31 22.77 -1.66
CA THR A 178 1.85 23.45 -2.87
C THR A 178 2.20 22.47 -4.01
N ILE A 179 2.47 21.18 -3.74
CA ILE A 179 3.09 20.31 -4.79
C ILE A 179 2.13 20.11 -5.99
N SER A 180 0.83 19.98 -5.78
CA SER A 180 -0.19 19.77 -6.87
C SER A 180 -0.20 20.97 -7.82
N GLU A 181 -0.12 22.20 -7.30
CA GLU A 181 -0.18 23.42 -8.11
C GLU A 181 1.06 23.52 -8.96
N ILE A 182 2.18 22.95 -8.52
CA ILE A 182 3.41 22.96 -9.34
C ILE A 182 3.40 21.83 -10.38
N LYS A 183 3.23 20.56 -9.97
CA LYS A 183 3.35 19.41 -10.89
C LYS A 183 2.12 19.19 -11.75
N ASP A 184 0.90 19.40 -11.24
CA ASP A 184 -0.32 19.06 -12.02
C ASP A 184 -0.25 19.68 -13.42
N PRO A 185 0.07 20.99 -13.59
CA PRO A 185 0.05 21.62 -14.91
C PRO A 185 1.03 20.99 -15.88
N LEU A 186 2.18 20.55 -15.35
CA LEU A 186 3.22 19.88 -16.17
C LEU A 186 2.75 18.50 -16.62
N ILE A 187 2.16 17.72 -15.71
CA ILE A 187 1.62 16.37 -16.06
C ILE A 187 0.51 16.55 -17.11
N THR A 188 -0.33 17.59 -16.98
CA THR A 188 -1.39 17.87 -17.99
C THR A 188 -0.81 18.23 -19.36
N LYS A 189 0.25 19.03 -19.38
CA LYS A 189 0.93 19.44 -20.63
C LYS A 189 1.47 18.19 -21.33
N ALA A 190 2.07 17.31 -20.56
CA ALA A 190 2.61 16.05 -21.11
C ALA A 190 1.51 15.16 -21.69
N ALA A 191 0.42 14.97 -20.94
CA ALA A 191 -0.74 14.18 -21.39
C ALA A 191 -1.28 14.77 -22.70
N LYS A 192 -1.38 16.09 -22.77
CA LYS A 192 -1.93 16.77 -23.99
C LYS A 192 -0.99 16.53 -25.16
N ARG A 193 0.33 16.59 -24.94
CA ARG A 193 1.29 16.29 -26.02
C ARG A 193 1.16 14.84 -26.42
N LEU A 194 0.96 13.92 -25.46
CA LEU A 194 0.81 12.51 -25.83
C LEU A 194 -0.45 12.34 -26.70
N LEU A 195 -1.58 12.94 -26.29
CA LEU A 195 -2.86 12.75 -27.00
C LEU A 195 -2.73 13.26 -28.44
N SER A 196 -1.99 14.33 -28.68
CA SER A 196 -1.78 14.88 -30.05
C SER A 196 -0.65 14.16 -30.79
N SER A 197 0.07 13.20 -30.20
CA SER A 197 1.22 12.55 -30.87
C SER A 197 0.72 11.39 -31.75
N GLU A 198 1.55 10.85 -32.62
CA GLU A 198 1.07 9.76 -33.52
C GLU A 198 2.09 8.63 -33.59
N GLY A 199 2.96 8.47 -32.60
CA GLY A 199 3.92 7.36 -32.58
C GLY A 199 3.56 6.11 -31.77
N GLU A 200 4.63 5.45 -31.33
CA GLU A 200 4.65 4.24 -30.49
C GLU A 200 3.83 4.53 -29.22
N LEU A 201 4.09 5.67 -28.54
CA LEU A 201 3.44 5.96 -27.23
C LEU A 201 1.94 6.19 -27.45
N LYS A 202 1.53 6.84 -28.54
CA LYS A 202 0.10 6.95 -28.90
C LYS A 202 -0.49 5.55 -29.01
N ASP A 203 0.17 4.61 -29.71
CA ASP A 203 -0.38 3.25 -29.90
C ASP A 203 -0.48 2.56 -28.53
N GLN A 204 0.54 2.69 -27.69
CA GLN A 204 0.50 2.08 -26.35
C GLN A 204 -0.67 2.67 -25.54
N LEU A 205 -0.89 4.01 -25.57
CA LEU A 205 -2.03 4.68 -24.88
C LEU A 205 -3.33 4.01 -25.36
N GLU A 206 -3.46 3.80 -26.66
CA GLU A 206 -4.69 3.19 -27.21
C GLU A 206 -4.84 1.75 -26.71
N ASN A 207 -3.80 0.95 -26.64
CA ASN A 207 -3.91 -0.45 -26.19
C ASN A 207 -4.28 -0.44 -24.71
N PHE A 208 -3.70 0.48 -23.94
CA PHE A 208 -3.98 0.59 -22.48
C PHE A 208 -5.48 0.90 -22.26
N ARG A 209 -5.97 1.92 -22.93
CA ARG A 209 -7.34 2.49 -22.75
C ARG A 209 -8.37 1.40 -23.10
N ARG A 210 -8.03 0.56 -24.05
CA ARG A 210 -8.93 -0.50 -24.59
C ARG A 210 -8.74 -1.81 -23.84
N ASP A 211 -7.76 -1.94 -22.96
CA ASP A 211 -7.51 -3.24 -22.31
C ASP A 211 -8.75 -3.45 -21.42
N PRO A 212 -9.39 -4.64 -21.44
CA PRO A 212 -10.64 -4.84 -20.69
C PRO A 212 -10.42 -4.83 -19.16
N ASN A 213 -9.24 -5.20 -18.66
CA ASN A 213 -8.98 -5.11 -17.20
C ASN A 213 -8.92 -3.63 -16.83
N ILE A 214 -8.15 -2.84 -17.60
CA ILE A 214 -7.92 -1.40 -17.35
C ILE A 214 -9.24 -0.66 -17.47
N SER A 215 -9.97 -0.86 -18.57
CA SER A 215 -11.19 -0.09 -18.84
C SER A 215 -12.28 -0.37 -17.80
N SER A 216 -12.26 -1.53 -17.13
CA SER A 216 -13.23 -1.96 -16.08
C SER A 216 -13.23 -1.00 -14.88
N TRP A 217 -12.15 -0.26 -14.64
CA TRP A 217 -12.09 0.78 -13.58
C TRP A 217 -11.78 2.17 -14.14
N LEU A 218 -11.02 2.26 -15.22
CA LEU A 218 -10.50 3.56 -15.68
C LEU A 218 -11.63 4.42 -16.26
N GLU A 219 -12.52 3.85 -17.06
CA GLU A 219 -13.58 4.69 -17.69
C GLU A 219 -14.42 5.34 -16.59
N ASP A 220 -14.85 4.53 -15.61
CA ASP A 220 -15.65 5.03 -14.45
C ASP A 220 -14.85 6.08 -13.69
N ALA A 221 -13.57 5.84 -13.45
CA ALA A 221 -12.74 6.78 -12.68
C ALA A 221 -12.61 8.11 -13.44
N ALA A 222 -12.46 8.08 -14.76
CA ALA A 222 -12.30 9.32 -15.57
C ALA A 222 -13.63 10.10 -15.58
N TYR A 223 -14.75 9.40 -15.82
CA TYR A 223 -16.05 10.10 -15.88
C TYR A 223 -16.38 10.64 -14.48
N PHE A 224 -16.14 9.86 -13.45
CA PHE A 224 -16.33 10.39 -12.07
C PHE A 224 -15.55 11.70 -11.89
N ALA A 225 -14.25 11.69 -12.23
CA ALA A 225 -13.38 12.88 -12.00
C ALA A 225 -13.92 14.07 -12.80
N ALA A 226 -14.34 13.83 -14.05
CA ALA A 226 -14.85 14.89 -14.93
C ALA A 226 -16.10 15.48 -14.33
N ILE A 227 -17.01 14.64 -13.83
CA ILE A 227 -18.27 15.16 -13.24
C ILE A 227 -17.93 15.91 -11.92
N ASP A 228 -17.07 15.34 -11.09
CA ASP A 228 -16.66 15.99 -9.82
C ASP A 228 -16.09 17.39 -10.17
N ASN A 229 -15.32 17.50 -11.22
CA ASN A 229 -14.62 18.74 -11.59
C ASN A 229 -15.68 19.77 -12.03
N SER A 230 -16.69 19.34 -12.78
CA SER A 230 -17.74 20.20 -13.33
C SER A 230 -18.78 20.58 -12.26
N VAL A 231 -19.27 19.60 -11.51
CA VAL A 231 -20.36 19.83 -10.56
C VAL A 231 -19.80 20.42 -9.26
N ASN A 232 -18.70 19.87 -8.75
CA ASN A 232 -17.96 20.45 -7.58
C ASN A 232 -18.87 20.58 -6.34
N THR A 233 -19.59 19.52 -5.97
CA THR A 233 -20.24 19.37 -4.65
C THR A 233 -19.25 18.60 -3.80
N ILE A 234 -19.46 18.57 -2.49
CA ILE A 234 -18.60 17.80 -1.58
C ILE A 234 -18.71 16.33 -1.97
N SER A 235 -19.93 15.85 -2.22
CA SER A 235 -20.12 14.43 -2.61
C SER A 235 -21.10 14.26 -3.77
N TRP A 236 -20.96 13.09 -4.41
CA TRP A 236 -21.81 12.69 -5.54
C TRP A 236 -23.25 12.53 -5.02
N TYR A 237 -23.45 12.40 -3.70
CA TYR A 237 -24.83 12.27 -3.15
C TYR A 237 -25.67 13.46 -3.63
N ASP A 238 -25.03 14.62 -3.79
CA ASP A 238 -25.71 15.89 -4.16
C ASP A 238 -25.56 16.17 -5.65
N TRP A 239 -25.12 15.22 -6.47
CA TRP A 239 -25.05 15.50 -7.93
C TRP A 239 -26.47 15.64 -8.50
N PRO A 240 -26.65 16.37 -9.59
CA PRO A 240 -27.91 16.32 -10.34
C PRO A 240 -28.28 14.87 -10.70
N GLU A 241 -29.56 14.56 -10.57
CA GLU A 241 -30.08 13.16 -10.61
C GLU A 241 -29.56 12.42 -11.86
N PRO A 242 -29.49 13.00 -13.06
CA PRO A 242 -29.02 12.23 -14.23
C PRO A 242 -27.55 11.80 -14.15
N LEU A 243 -26.73 12.53 -13.40
CA LEU A 243 -25.31 12.16 -13.18
C LEU A 243 -25.18 11.28 -11.95
N LYS A 244 -25.89 11.60 -10.88
CA LYS A 244 -25.86 10.78 -9.67
C LYS A 244 -26.24 9.33 -10.04
N ASN A 245 -27.28 9.20 -10.87
CA ASN A 245 -27.89 7.87 -11.15
C ASN A 245 -27.48 7.36 -12.54
N ARG A 246 -26.45 7.95 -13.11
CA ARG A 246 -25.81 7.45 -14.34
C ARG A 246 -26.80 7.10 -15.46
N HIS A 247 -27.68 8.04 -15.76
CA HIS A 247 -28.53 7.96 -16.97
C HIS A 247 -27.59 7.84 -18.17
N LEU A 248 -27.80 6.84 -19.01
CA LEU A 248 -26.93 6.55 -20.17
C LEU A 248 -26.78 7.83 -21.01
N ALA A 249 -27.85 8.59 -21.21
CA ALA A 249 -27.80 9.78 -22.08
C ALA A 249 -26.95 10.85 -21.39
N ALA A 250 -27.13 11.05 -20.08
CA ALA A 250 -26.36 12.07 -19.35
C ALA A 250 -24.86 11.71 -19.45
N LEU A 251 -24.50 10.44 -19.37
CA LEU A 251 -23.06 10.08 -19.44
C LEU A 251 -22.52 10.36 -20.85
N GLU A 252 -23.32 10.08 -21.88
CA GLU A 252 -22.88 10.35 -23.28
C GLU A 252 -22.63 11.85 -23.43
N GLU A 253 -23.49 12.66 -22.83
CA GLU A 253 -23.35 14.13 -22.85
C GLU A 253 -22.10 14.56 -22.08
N VAL A 254 -21.81 13.92 -20.95
CA VAL A 254 -20.55 14.20 -20.21
C VAL A 254 -19.34 14.04 -21.14
N TYR A 255 -19.24 12.94 -21.87
CA TYR A 255 -18.08 12.69 -22.77
C TYR A 255 -17.98 13.76 -23.85
N GLN A 256 -19.09 14.24 -24.40
CA GLN A 256 -19.10 15.34 -25.40
C GLN A 256 -18.67 16.63 -24.73
N SER A 257 -19.12 16.96 -23.53
CA SER A 257 -18.77 18.30 -23.02
C SER A 257 -17.46 18.24 -22.21
N GLU A 258 -17.00 17.06 -21.76
CA GLU A 258 -15.79 16.96 -20.86
C GLU A 258 -14.78 16.03 -21.52
N LYS A 259 -14.85 15.91 -22.84
CA LYS A 259 -13.97 15.02 -23.65
C LYS A 259 -12.50 15.27 -23.28
N ASP A 260 -12.05 16.51 -23.28
CA ASP A 260 -10.59 16.79 -23.11
C ASP A 260 -10.19 16.36 -21.68
N PHE A 261 -11.04 16.67 -20.71
CA PHE A 261 -10.78 16.33 -19.29
C PHE A 261 -10.60 14.82 -19.22
N ILE A 262 -11.57 14.07 -19.78
CA ILE A 262 -11.60 12.60 -19.69
C ILE A 262 -10.37 12.02 -20.44
N ASP A 263 -10.12 12.50 -21.66
CA ASP A 263 -8.97 11.99 -22.45
C ASP A 263 -7.66 12.25 -21.67
N ILE A 264 -7.52 13.42 -21.08
CA ILE A 264 -6.29 13.79 -20.34
C ILE A 264 -6.20 12.90 -19.10
N PHE A 265 -7.31 12.69 -18.40
CA PHE A 265 -7.25 11.84 -17.18
C PHE A 265 -6.73 10.43 -17.52
N ILE A 266 -7.20 9.90 -18.64
CA ILE A 266 -6.85 8.53 -19.09
C ILE A 266 -5.36 8.53 -19.50
N ALA A 267 -4.92 9.58 -20.22
CA ALA A 267 -3.52 9.69 -20.65
C ALA A 267 -2.60 9.79 -19.42
N GLN A 268 -3.02 10.50 -18.36
CA GLN A 268 -2.23 10.61 -17.12
C GLN A 268 -2.11 9.24 -16.48
N GLN A 269 -3.19 8.48 -16.45
CA GLN A 269 -3.15 7.12 -15.87
C GLN A 269 -2.25 6.22 -16.69
N PHE A 270 -2.24 6.39 -18.02
CA PHE A 270 -1.31 5.63 -18.88
C PHE A 270 0.14 6.03 -18.53
N LEU A 271 0.41 7.31 -18.33
CA LEU A 271 1.80 7.77 -18.05
C LEU A 271 2.26 7.14 -16.72
N PHE A 272 1.35 7.06 -15.73
CA PHE A 272 1.64 6.41 -14.44
C PHE A 272 1.96 4.95 -14.69
N GLN A 273 1.08 4.25 -15.40
CA GLN A 273 1.21 2.80 -15.63
C GLN A 273 2.58 2.49 -16.26
N ARG A 274 2.93 3.21 -17.30
CA ARG A 274 4.18 2.99 -18.05
C ARG A 274 5.39 3.26 -17.14
N GLN A 275 5.37 4.32 -16.33
CA GLN A 275 6.49 4.58 -15.41
C GLN A 275 6.58 3.50 -14.34
N TRP A 276 5.43 3.10 -13.80
CA TRP A 276 5.42 2.09 -12.74
C TRP A 276 5.90 0.76 -13.32
N LYS A 277 5.47 0.40 -14.53
CA LYS A 277 5.87 -0.88 -15.14
C LYS A 277 7.40 -0.90 -15.37
N LYS A 278 7.99 0.22 -15.78
CA LYS A 278 9.46 0.36 -15.95
C LYS A 278 10.15 0.12 -14.61
N VAL A 279 9.59 0.67 -13.53
CA VAL A 279 10.18 0.50 -12.18
C VAL A 279 10.06 -0.98 -11.78
N ARG A 280 8.88 -1.57 -11.96
CA ARG A 280 8.68 -2.97 -11.53
C ARG A 280 9.57 -3.94 -12.36
N ASP A 281 9.65 -3.73 -13.67
CA ASP A 281 10.52 -4.54 -14.57
C ASP A 281 11.97 -4.42 -14.10
N TYR A 282 12.42 -3.21 -13.76
CA TYR A 282 13.82 -3.00 -13.27
C TYR A 282 14.03 -3.75 -11.95
N ALA A 283 13.08 -3.60 -11.02
CA ALA A 283 13.10 -4.36 -9.74
C ALA A 283 13.22 -5.86 -10.03
N ARG A 284 12.37 -6.40 -10.89
CA ARG A 284 12.41 -7.86 -11.17
C ARG A 284 13.79 -8.23 -11.75
N SER A 285 14.39 -7.37 -12.58
CA SER A 285 15.73 -7.57 -13.19
C SER A 285 16.77 -7.72 -12.06
N LYS A 286 16.55 -7.11 -10.88
CA LYS A 286 17.48 -7.14 -9.74
C LYS A 286 17.08 -8.17 -8.67
N GLY A 287 16.13 -9.02 -8.95
CA GLY A 287 15.66 -10.03 -7.99
C GLY A 287 14.82 -9.40 -6.88
N ILE A 288 14.15 -8.26 -7.14
CA ILE A 288 13.36 -7.53 -6.10
C ILE A 288 11.87 -7.62 -6.44
N SER A 289 11.08 -8.12 -5.51
CA SER A 289 9.59 -8.10 -5.59
C SER A 289 9.10 -6.82 -4.90
N ILE A 290 7.99 -6.31 -5.36
CA ILE A 290 7.36 -5.10 -4.75
C ILE A 290 6.09 -5.54 -4.02
N MET A 291 6.07 -5.23 -2.74
CA MET A 291 4.93 -5.48 -1.85
C MET A 291 4.14 -4.18 -1.74
N GLY A 292 2.87 -4.22 -2.12
CA GLY A 292 2.01 -3.05 -1.97
C GLY A 292 1.11 -3.17 -0.76
N ASP A 293 0.04 -2.38 -0.78
CA ASP A 293 -0.78 -2.23 0.43
C ASP A 293 -2.15 -1.71 -0.02
N MET A 294 -3.20 -2.28 0.54
CA MET A 294 -4.57 -1.80 0.18
C MET A 294 -5.42 -1.72 1.45
N PRO A 295 -6.07 -0.59 1.71
CA PRO A 295 -7.09 -0.56 2.77
C PRO A 295 -8.22 -1.53 2.40
N ILE A 296 -8.85 -2.16 3.40
CA ILE A 296 -10.00 -3.07 3.11
C ILE A 296 -11.14 -2.24 2.51
N TYR A 297 -11.36 -1.00 2.96
CA TYR A 297 -12.53 -0.20 2.55
C TYR A 297 -12.11 0.86 1.54
N VAL A 298 -13.07 1.37 0.77
CA VAL A 298 -12.86 2.48 -0.20
C VAL A 298 -13.66 3.68 0.29
N GLY A 299 -13.36 4.89 -0.16
CA GLY A 299 -14.08 6.09 0.23
C GLY A 299 -15.41 6.23 -0.49
N TYR A 300 -16.40 6.83 0.16
CA TYR A 300 -17.75 7.03 -0.42
C TYR A 300 -17.63 7.82 -1.73
N HIS A 301 -16.96 8.96 -1.66
CA HIS A 301 -16.86 9.90 -2.79
C HIS A 301 -15.81 9.38 -3.75
N SER A 302 -16.16 8.38 -4.53
CA SER A 302 -15.25 7.74 -5.51
C SER A 302 -16.05 7.07 -6.63
N ALA A 303 -15.37 6.78 -7.73
CA ALA A 303 -15.93 5.94 -8.81
C ALA A 303 -16.23 4.54 -8.28
N ASP A 304 -15.43 4.05 -7.33
CA ASP A 304 -15.56 2.71 -6.72
C ASP A 304 -17.02 2.54 -6.24
N VAL A 305 -17.54 3.54 -5.54
CA VAL A 305 -18.90 3.49 -5.00
C VAL A 305 -19.93 3.96 -6.03
N TRP A 306 -19.73 5.14 -6.63
CA TRP A 306 -20.70 5.76 -7.54
C TRP A 306 -21.01 4.84 -8.74
N ALA A 307 -20.03 4.14 -9.27
CA ALA A 307 -20.25 3.32 -10.46
C ALA A 307 -20.62 1.87 -10.07
N ASN A 308 -20.63 1.53 -8.78
CA ASN A 308 -20.82 0.13 -8.29
C ASN A 308 -21.74 0.13 -7.06
N LYS A 309 -22.85 0.87 -7.09
CA LYS A 309 -23.59 1.22 -5.86
C LYS A 309 -24.11 -0.05 -5.17
N LYS A 310 -24.51 -1.03 -5.96
CA LYS A 310 -25.11 -2.28 -5.42
C LYS A 310 -24.04 -3.14 -4.77
N GLN A 311 -22.77 -2.78 -4.85
CA GLN A 311 -21.73 -3.51 -4.08
C GLN A 311 -21.69 -3.05 -2.63
N PHE A 312 -22.33 -1.92 -2.32
CA PHE A 312 -22.29 -1.27 -1.01
C PHE A 312 -23.66 -1.28 -0.35
N LEU A 313 -23.68 -1.10 0.97
CA LEU A 313 -24.95 -0.98 1.76
C LEU A 313 -25.40 0.49 1.80
N LEU A 314 -26.08 0.92 0.76
CA LEU A 314 -26.62 2.28 0.64
C LEU A 314 -28.15 2.19 0.72
N ASN A 315 -28.82 3.31 1.05
CA ASN A 315 -30.30 3.45 0.97
C ASN A 315 -30.67 3.73 -0.48
N ARG A 316 -31.96 3.91 -0.81
CA ARG A 316 -32.36 4.07 -2.22
C ARG A 316 -31.94 5.45 -2.75
N LYS A 317 -31.57 6.42 -1.93
CA LYS A 317 -30.98 7.66 -2.44
C LYS A 317 -29.44 7.57 -2.56
N GLY A 318 -28.80 6.44 -2.27
CA GLY A 318 -27.33 6.32 -2.37
C GLY A 318 -26.55 6.72 -1.11
N PHE A 319 -27.23 6.91 0.02
CA PHE A 319 -26.57 7.31 1.28
C PHE A 319 -26.21 6.07 2.06
N PRO A 320 -25.02 5.97 2.67
CA PRO A 320 -24.66 4.77 3.42
C PRO A 320 -25.64 4.52 4.58
N LEU A 321 -26.11 3.29 4.70
CA LEU A 321 -26.96 2.85 5.86
C LEU A 321 -26.08 2.75 7.12
N ILE A 322 -24.90 2.19 6.96
CA ILE A 322 -23.95 1.90 8.08
C ILE A 322 -22.56 2.18 7.53
N VAL A 323 -21.66 2.58 8.40
CA VAL A 323 -20.26 2.95 8.02
C VAL A 323 -19.29 2.24 8.92
N SER A 324 -18.02 2.30 8.52
CA SER A 324 -16.94 1.52 9.12
C SER A 324 -16.44 2.25 10.35
N GLY A 325 -15.86 1.47 11.23
CA GLY A 325 -15.12 1.93 12.41
C GLY A 325 -14.66 0.74 13.22
N VAL A 326 -14.19 1.02 14.43
CA VAL A 326 -13.88 -0.03 15.45
C VAL A 326 -14.46 0.46 16.78
N PRO A 327 -14.95 -0.44 17.64
CA PRO A 327 -15.61 -0.05 18.87
C PRO A 327 -14.57 0.32 19.92
N PRO A 328 -14.98 0.84 21.09
CA PRO A 328 -14.06 0.96 22.23
C PRO A 328 -13.46 -0.41 22.57
N ASP A 329 -12.19 -0.47 23.01
CA ASP A 329 -11.60 -1.71 23.61
C ASP A 329 -10.96 -1.37 24.96
N ALA A 330 -11.73 -0.65 25.81
CA ALA A 330 -11.29 0.13 27.00
C ALA A 330 -10.26 1.19 26.56
N PHE A 331 -10.59 1.86 25.45
CA PHE A 331 -9.78 2.96 24.87
C PHE A 331 -10.64 4.23 24.76
N SER A 332 -10.23 5.27 25.49
CA SER A 332 -10.84 6.63 25.55
C SER A 332 -12.38 6.59 25.40
N GLU A 333 -13.08 5.78 26.20
CA GLU A 333 -14.57 5.66 26.14
C GLU A 333 -15.04 5.25 24.72
N THR A 334 -15.10 6.16 23.74
CA THR A 334 -15.49 5.88 22.33
C THR A 334 -14.32 5.34 21.51
N GLY A 335 -14.65 4.60 20.45
CA GLY A 335 -13.65 3.98 19.56
C GLY A 335 -13.29 4.86 18.38
N GLN A 336 -13.30 4.29 17.18
CA GLN A 336 -12.88 5.06 15.97
C GLN A 336 -13.98 5.03 14.91
N LEU A 337 -14.44 6.19 14.48
CA LEU A 337 -15.44 6.35 13.39
C LEU A 337 -14.68 6.67 12.10
N TRP A 338 -14.33 5.64 11.34
CA TRP A 338 -13.67 5.76 10.01
C TRP A 338 -14.63 6.32 9.01
N GLY A 339 -15.87 5.85 8.96
CA GLY A 339 -16.91 6.48 8.14
C GLY A 339 -16.95 6.02 6.68
N SER A 340 -16.21 5.01 6.27
CA SER A 340 -16.37 4.43 4.91
C SER A 340 -17.68 3.67 4.78
N PRO A 341 -18.16 3.54 3.54
CA PRO A 341 -19.29 2.69 3.27
C PRO A 341 -18.82 1.25 3.45
N LEU A 342 -19.78 0.38 3.74
CA LEU A 342 -19.53 -1.06 3.97
C LEU A 342 -20.03 -1.85 2.77
N TYR A 343 -19.39 -2.98 2.55
CA TYR A 343 -19.71 -3.88 1.42
C TYR A 343 -20.99 -4.67 1.71
N ASP A 344 -21.81 -4.85 0.68
CA ASP A 344 -22.95 -5.79 0.74
C ASP A 344 -22.39 -7.15 0.40
N TRP A 345 -21.82 -7.82 1.38
CA TRP A 345 -21.07 -9.07 1.19
C TRP A 345 -22.01 -10.19 0.72
N LYS A 346 -23.25 -10.17 1.22
CA LYS A 346 -24.32 -11.09 0.75
C LYS A 346 -24.57 -10.88 -0.75
N ALA A 347 -24.80 -9.66 -1.23
CA ALA A 347 -24.95 -9.42 -2.68
C ALA A 347 -23.68 -9.85 -3.43
N MET A 348 -22.50 -9.60 -2.86
CA MET A 348 -21.21 -9.89 -3.56
C MET A 348 -21.07 -11.39 -3.81
N GLU A 349 -21.44 -12.19 -2.81
CA GLU A 349 -21.31 -13.66 -2.87
C GLU A 349 -22.12 -14.17 -4.06
N LYS A 350 -23.24 -13.52 -4.37
CA LYS A 350 -24.15 -13.96 -5.46
C LYS A 350 -23.49 -13.82 -6.81
N ASP A 351 -22.55 -12.88 -7.01
CA ASP A 351 -21.94 -12.74 -8.37
C ASP A 351 -20.49 -13.24 -8.34
N GLY A 352 -20.12 -14.05 -7.37
CA GLY A 352 -18.74 -14.59 -7.27
C GLY A 352 -17.74 -13.53 -6.83
N PHE A 353 -18.19 -12.50 -6.11
CA PHE A 353 -17.30 -11.43 -5.58
C PHE A 353 -16.57 -10.78 -6.75
N SER A 354 -17.29 -10.46 -7.81
CA SER A 354 -16.71 -9.92 -9.06
C SER A 354 -15.99 -8.57 -8.80
N TRP A 355 -16.54 -7.70 -7.97
CA TRP A 355 -15.94 -6.37 -7.67
C TRP A 355 -14.59 -6.58 -6.97
N TRP A 356 -14.57 -7.44 -5.95
CA TRP A 356 -13.33 -7.76 -5.22
C TRP A 356 -12.31 -8.44 -6.15
N VAL A 357 -12.74 -9.34 -7.03
CA VAL A 357 -11.83 -10.00 -7.99
C VAL A 357 -11.17 -8.93 -8.88
N ARG A 358 -11.92 -7.98 -9.39
CA ARG A 358 -11.33 -6.88 -10.23
C ARG A 358 -10.34 -6.05 -9.37
N ARG A 359 -10.67 -5.77 -8.12
CA ARG A 359 -9.76 -4.99 -7.26
C ARG A 359 -8.44 -5.73 -7.13
N ILE A 360 -8.48 -7.05 -6.91
CA ILE A 360 -7.28 -7.90 -6.76
C ILE A 360 -6.50 -7.95 -8.08
N GLN A 361 -7.18 -8.06 -9.21
CA GLN A 361 -6.50 -8.12 -10.54
C GLN A 361 -5.66 -6.84 -10.69
N ARG A 362 -6.22 -5.69 -10.38
CA ARG A 362 -5.46 -4.43 -10.54
C ARG A 362 -4.30 -4.43 -9.54
N ALA A 363 -4.51 -4.84 -8.29
CA ALA A 363 -3.42 -4.93 -7.30
C ALA A 363 -2.29 -5.84 -7.85
N THR A 364 -2.58 -6.96 -8.50
CA THR A 364 -1.53 -7.88 -9.02
C THR A 364 -0.89 -7.27 -10.28
N ASP A 365 -1.58 -6.37 -10.93
CA ASP A 365 -1.02 -5.60 -12.08
C ASP A 365 0.09 -4.67 -11.56
N LEU A 366 -0.04 -4.13 -10.33
CA LEU A 366 0.96 -3.22 -9.76
C LEU A 366 2.00 -3.97 -8.93
N PHE A 367 1.61 -5.00 -8.19
CA PHE A 367 2.44 -5.52 -7.08
C PHE A 367 2.65 -7.03 -7.25
N ASP A 368 3.80 -7.51 -6.80
CA ASP A 368 4.06 -8.97 -6.70
C ASP A 368 3.25 -9.55 -5.55
N GLU A 369 3.11 -8.80 -4.47
CA GLU A 369 2.41 -9.27 -3.23
C GLU A 369 1.87 -8.03 -2.53
N PHE A 370 0.95 -8.17 -1.59
CA PHE A 370 0.45 -6.94 -0.93
C PHE A 370 -0.21 -7.26 0.39
N ARG A 371 -0.19 -6.28 1.28
CA ARG A 371 -0.88 -6.34 2.57
C ARG A 371 -2.32 -5.85 2.35
N ILE A 372 -3.28 -6.47 3.05
CA ILE A 372 -4.64 -5.86 3.20
C ILE A 372 -4.80 -5.35 4.62
N ASP A 373 -5.00 -4.04 4.78
CA ASP A 373 -5.16 -3.38 6.09
C ASP A 373 -6.53 -3.80 6.64
N HIS A 374 -6.59 -4.05 7.93
CA HIS A 374 -7.85 -4.44 8.62
C HIS A 374 -8.40 -5.73 7.99
N PHE A 375 -7.50 -6.66 7.76
CA PHE A 375 -7.85 -8.01 7.29
C PHE A 375 -8.98 -8.63 8.14
N ARG A 376 -9.01 -8.33 9.44
CA ARG A 376 -10.02 -8.86 10.40
C ARG A 376 -11.43 -8.58 9.87
N GLY A 377 -11.62 -7.50 9.11
CA GLY A 377 -12.91 -7.13 8.51
C GLY A 377 -13.45 -8.24 7.62
N PHE A 378 -12.61 -9.16 7.12
CA PHE A 378 -13.12 -10.27 6.27
C PHE A 378 -13.79 -11.35 7.13
N ALA A 379 -13.45 -11.42 8.42
CA ALA A 379 -14.10 -12.38 9.35
C ALA A 379 -15.28 -11.71 10.08
N GLY A 380 -15.07 -10.51 10.61
CA GLY A 380 -16.10 -9.70 11.29
C GLY A 380 -15.77 -8.24 11.20
N PHE A 381 -16.78 -7.40 10.98
CA PHE A 381 -16.56 -5.96 10.83
C PHE A 381 -17.52 -5.19 11.70
N TRP A 382 -17.06 -4.03 12.16
CA TRP A 382 -17.82 -3.12 13.03
C TRP A 382 -18.60 -2.14 12.16
N ALA A 383 -19.91 -2.04 12.40
CA ALA A 383 -20.82 -1.25 11.57
C ALA A 383 -21.54 -0.22 12.44
N VAL A 384 -21.42 1.05 12.10
CA VAL A 384 -22.00 2.19 12.87
C VAL A 384 -23.12 2.80 12.04
N PRO A 385 -24.34 2.98 12.60
CA PRO A 385 -25.42 3.67 11.87
C PRO A 385 -24.92 5.02 11.39
N SER A 386 -25.21 5.39 10.14
CA SER A 386 -24.46 6.48 9.46
C SER A 386 -24.81 7.84 10.07
N GLU A 387 -25.98 7.94 10.73
CA GLU A 387 -26.41 9.15 11.47
C GLU A 387 -25.54 9.38 12.71
N GLU A 388 -24.91 8.35 13.29
CA GLU A 388 -24.13 8.49 14.55
C GLU A 388 -22.82 9.25 14.27
N LYS A 389 -22.42 10.11 15.21
CA LYS A 389 -21.19 10.97 15.14
C LYS A 389 -20.04 10.28 15.89
N ILE A 390 -20.30 9.18 16.59
CA ILE A 390 -19.23 8.36 17.26
C ILE A 390 -19.52 6.88 17.02
N ALA A 391 -18.51 6.06 17.35
CA ALA A 391 -18.37 4.63 17.01
C ALA A 391 -19.03 3.72 18.08
N ILE A 392 -19.18 4.22 19.31
CA ILE A 392 -19.79 3.52 20.50
C ILE A 392 -20.95 2.64 20.05
N LEU A 393 -22.00 3.25 19.49
CA LEU A 393 -23.23 2.57 19.05
C LEU A 393 -22.94 1.96 17.68
N GLY A 394 -22.83 0.64 17.66
CA GLY A 394 -22.42 -0.16 16.49
C GLY A 394 -22.63 -1.60 16.82
N ARG A 395 -22.43 -2.48 15.86
CA ARG A 395 -22.57 -3.93 16.05
C ARG A 395 -21.48 -4.57 15.18
N TRP A 396 -20.95 -5.71 15.63
CA TRP A 396 -20.10 -6.64 14.85
C TRP A 396 -21.00 -7.40 13.91
N LYS A 397 -20.63 -7.40 12.61
CA LYS A 397 -21.34 -8.15 11.56
C LYS A 397 -20.42 -9.23 11.03
N VAL A 398 -21.02 -10.28 10.49
CA VAL A 398 -20.27 -11.47 9.98
C VAL A 398 -19.66 -11.13 8.63
N GLY A 399 -18.34 -11.24 8.50
CA GLY A 399 -17.61 -11.01 7.24
C GLY A 399 -17.78 -12.17 6.29
N PRO A 400 -17.36 -12.00 5.03
CA PRO A 400 -17.55 -13.04 4.03
C PRO A 400 -16.77 -14.34 4.25
N GLY A 401 -15.66 -14.26 4.95
CA GLY A 401 -14.75 -15.39 5.19
C GLY A 401 -14.13 -15.98 3.93
N LYS A 402 -13.75 -17.27 4.01
CA LYS A 402 -12.87 -17.97 3.07
C LYS A 402 -13.46 -17.97 1.68
N PRO A 403 -14.79 -18.06 1.46
CA PRO A 403 -15.34 -18.06 0.11
C PRO A 403 -14.89 -16.87 -0.76
N LEU A 404 -14.63 -15.71 -0.14
CA LEU A 404 -14.10 -14.54 -0.90
C LEU A 404 -12.74 -14.97 -1.48
N PHE A 405 -11.90 -15.58 -0.66
CA PHE A 405 -10.53 -16.00 -1.09
C PHE A 405 -10.60 -17.18 -2.07
N ASP A 406 -11.56 -18.09 -1.87
CA ASP A 406 -11.81 -19.17 -2.87
C ASP A 406 -12.13 -18.56 -4.23
N ALA A 407 -13.00 -17.55 -4.30
CA ALA A 407 -13.40 -16.94 -5.59
C ALA A 407 -12.17 -16.24 -6.20
N ILE A 408 -11.37 -15.55 -5.39
CA ILE A 408 -10.16 -14.84 -5.91
C ILE A 408 -9.22 -15.91 -6.50
N LEU A 409 -9.02 -17.00 -5.77
CA LEU A 409 -8.09 -18.08 -6.23
C LEU A 409 -8.58 -18.62 -7.58
N GLN A 410 -9.86 -18.87 -7.70
CA GLN A 410 -10.53 -19.45 -8.90
C GLN A 410 -10.35 -18.50 -10.08
N ALA A 411 -10.49 -17.19 -9.88
CA ALA A 411 -10.48 -16.15 -10.96
C ALA A 411 -9.06 -15.73 -11.30
N VAL A 412 -8.15 -15.65 -10.33
CA VAL A 412 -6.86 -14.91 -10.51
C VAL A 412 -5.66 -15.81 -10.21
N GLY A 413 -5.84 -17.00 -9.64
CA GLY A 413 -4.72 -17.87 -9.21
C GLY A 413 -4.12 -17.39 -7.91
N LYS A 414 -2.96 -17.92 -7.53
CA LYS A 414 -2.38 -17.76 -6.19
C LYS A 414 -1.87 -16.31 -6.11
N ILE A 415 -2.10 -15.60 -4.99
CA ILE A 415 -1.51 -14.27 -4.66
C ILE A 415 -0.85 -14.33 -3.28
N ASN A 416 0.34 -13.73 -2.99
CA ASN A 416 0.85 -13.60 -1.59
C ASN A 416 0.13 -12.34 -1.09
N ILE A 417 -0.89 -12.57 -0.27
CA ILE A 417 -1.63 -11.56 0.50
C ILE A 417 -1.07 -11.63 1.91
N ILE A 418 -0.65 -10.51 2.46
CA ILE A 418 -0.25 -10.37 3.87
C ILE A 418 -1.45 -9.83 4.62
N ALA A 419 -1.79 -10.46 5.74
CA ALA A 419 -2.93 -10.07 6.59
C ALA A 419 -2.46 -9.06 7.64
N GLU A 420 -2.91 -7.80 7.56
CA GLU A 420 -2.59 -6.87 8.63
C GLU A 420 -3.45 -7.32 9.81
N ASP A 421 -2.82 -7.70 10.91
CA ASP A 421 -3.54 -8.34 12.05
C ASP A 421 -3.08 -7.76 13.40
N LEU A 422 -2.79 -6.46 13.46
CA LEU A 422 -2.41 -5.76 14.70
C LEU A 422 -3.65 -5.51 15.57
N GLY A 423 -3.44 -5.08 16.81
CA GLY A 423 -4.51 -4.73 17.77
C GLY A 423 -5.26 -5.95 18.27
N VAL A 424 -6.43 -5.74 18.86
CA VAL A 424 -7.24 -6.86 19.40
C VAL A 424 -7.91 -7.51 18.21
N ILE A 425 -7.66 -8.79 18.01
CA ILE A 425 -8.37 -9.60 16.99
C ILE A 425 -8.94 -10.80 17.73
N THR A 426 -9.96 -11.40 17.15
CA THR A 426 -10.73 -12.49 17.75
C THR A 426 -10.23 -13.77 17.11
N GLU A 427 -10.61 -14.91 17.69
CA GLU A 427 -10.17 -16.24 17.25
C GLU A 427 -10.58 -16.48 15.79
N ASP A 428 -11.78 -16.08 15.40
CA ASP A 428 -12.25 -16.31 14.00
C ASP A 428 -11.31 -15.63 12.96
N VAL A 429 -10.68 -14.53 13.32
CA VAL A 429 -9.71 -13.81 12.43
C VAL A 429 -8.48 -14.69 12.23
N VAL A 430 -7.93 -15.22 13.33
CA VAL A 430 -6.78 -16.15 13.25
C VAL A 430 -7.20 -17.36 12.41
N GLN A 431 -8.40 -17.92 12.64
CA GLN A 431 -8.80 -19.14 11.91
C GLN A 431 -8.96 -18.81 10.44
N LEU A 432 -9.47 -17.62 10.11
CA LEU A 432 -9.59 -17.28 8.67
C LEU A 432 -8.19 -17.19 8.05
N ARG A 433 -7.33 -16.42 8.68
CA ARG A 433 -5.96 -16.18 8.15
C ARG A 433 -5.23 -17.50 7.90
N LYS A 434 -5.25 -18.38 8.89
CA LYS A 434 -4.60 -19.71 8.80
C LYS A 434 -5.27 -20.54 7.72
N SER A 435 -6.59 -20.44 7.56
CA SER A 435 -7.35 -21.21 6.54
C SER A 435 -6.87 -20.87 5.15
N ILE A 436 -6.39 -19.65 4.89
CA ILE A 436 -5.92 -19.29 3.50
C ILE A 436 -4.39 -19.23 3.50
N GLU A 437 -3.75 -19.62 4.58
CA GLU A 437 -2.26 -19.66 4.69
C GLU A 437 -1.67 -18.27 4.48
N ALA A 438 -2.36 -17.21 4.91
CA ALA A 438 -1.80 -15.85 4.78
C ALA A 438 -0.91 -15.59 5.98
N PRO A 439 0.28 -15.01 5.77
CA PRO A 439 1.08 -14.58 6.90
C PRO A 439 0.45 -13.35 7.61
N GLY A 440 0.58 -13.27 8.92
CA GLY A 440 0.32 -12.02 9.65
C GLY A 440 1.60 -11.25 9.90
N MET A 441 1.54 -10.34 10.87
CA MET A 441 2.60 -9.36 11.16
C MET A 441 3.11 -9.57 12.56
N ALA A 442 4.39 -9.31 12.73
CA ALA A 442 5.04 -9.04 14.02
C ALA A 442 5.72 -7.67 13.89
N VAL A 443 5.59 -6.84 14.92
CA VAL A 443 6.19 -5.49 14.98
C VAL A 443 6.98 -5.38 16.28
N LEU A 444 8.29 -5.32 16.16
CA LEU A 444 9.18 -5.44 17.34
C LEU A 444 8.95 -4.27 18.30
N GLN A 445 8.58 -3.10 17.78
CA GLN A 445 8.36 -1.92 18.67
C GLN A 445 7.15 -2.18 19.57
N PHE A 446 6.30 -3.15 19.29
CA PHE A 446 5.17 -3.51 20.18
C PHE A 446 5.48 -4.70 21.11
N ALA A 447 6.70 -5.25 21.11
CA ALA A 447 6.98 -6.57 21.72
C ALA A 447 7.26 -6.46 23.23
N PHE A 448 7.68 -5.31 23.76
CA PHE A 448 8.43 -5.29 25.05
C PHE A 448 7.65 -4.68 26.23
N GLY A 449 6.38 -4.34 26.05
CA GLY A 449 5.60 -3.61 27.07
C GLY A 449 4.59 -4.48 27.79
N SER A 450 4.58 -5.82 27.63
CA SER A 450 3.60 -6.66 28.34
C SER A 450 4.36 -7.81 29.05
N ASP A 451 4.20 -9.04 28.62
CA ASP A 451 4.86 -10.20 29.26
C ASP A 451 5.52 -11.02 28.14
N ALA A 452 6.03 -12.20 28.47
CA ALA A 452 6.79 -13.05 27.52
C ALA A 452 5.84 -13.72 26.53
N GLU A 453 4.53 -13.63 26.73
CA GLU A 453 3.53 -14.20 25.80
C GLU A 453 3.21 -13.16 24.71
N ASN A 454 3.88 -12.03 24.70
CA ASN A 454 3.58 -11.01 23.65
C ASN A 454 3.93 -11.61 22.26
N PRO A 455 2.96 -11.69 21.32
CA PRO A 455 3.18 -12.30 20.02
C PRO A 455 4.26 -11.63 19.15
N HIS A 456 4.63 -10.40 19.48
CA HIS A 456 5.61 -9.63 18.67
C HIS A 456 7.01 -10.02 19.11
N LEU A 457 7.16 -10.69 20.26
CA LEU A 457 8.52 -11.09 20.67
C LEU A 457 9.02 -12.18 19.71
N PRO A 458 10.29 -12.13 19.27
CA PRO A 458 10.84 -13.13 18.34
C PRO A 458 10.62 -14.62 18.73
N HIS A 459 10.65 -14.97 20.03
CA HIS A 459 10.48 -16.42 20.40
C HIS A 459 9.04 -16.85 20.13
N ASN A 460 8.12 -15.89 19.89
CA ASN A 460 6.72 -16.16 19.54
C ASN A 460 6.49 -16.04 18.02
N HIS A 461 7.46 -15.70 17.19
CA HIS A 461 7.22 -15.58 15.73
C HIS A 461 7.00 -16.96 15.08
N GLU A 462 6.44 -16.99 13.88
CA GLU A 462 6.35 -18.27 13.14
C GLU A 462 6.92 -18.01 11.77
N GLN A 463 7.19 -19.08 11.05
CA GLN A 463 7.80 -18.98 9.72
C GLN A 463 6.86 -18.24 8.77
N ASN A 464 5.55 -18.51 8.75
CA ASN A 464 4.65 -17.86 7.79
C ASN A 464 4.15 -16.52 8.39
N GLN A 465 4.97 -15.49 8.35
CA GLN A 465 4.79 -14.23 9.08
C GLN A 465 5.73 -13.21 8.45
N VAL A 466 5.38 -11.94 8.60
CA VAL A 466 6.23 -10.79 8.21
C VAL A 466 6.61 -10.04 9.47
N VAL A 467 7.89 -9.83 9.70
CA VAL A 467 8.37 -9.13 10.92
C VAL A 467 8.89 -7.77 10.48
N TYR A 468 8.48 -6.75 11.22
CA TYR A 468 8.93 -5.36 11.05
C TYR A 468 9.62 -4.95 12.35
N THR A 469 10.61 -4.07 12.26
CA THR A 469 11.03 -3.26 13.41
C THR A 469 9.89 -2.35 13.82
N GLY A 470 9.28 -1.73 12.81
CA GLY A 470 8.18 -0.79 12.92
C GLY A 470 7.65 -0.51 11.54
N THR A 471 6.44 0.00 11.44
CA THR A 471 5.86 0.37 10.13
C THR A 471 5.94 1.90 9.96
N HIS A 472 5.24 2.40 8.94
CA HIS A 472 5.08 3.86 8.68
C HIS A 472 4.25 4.49 9.81
N ASP A 473 3.50 3.71 10.55
CA ASP A 473 2.67 4.17 11.69
C ASP A 473 3.45 4.26 13.02
N ASN A 474 4.64 3.65 13.10
CA ASN A 474 5.51 3.72 14.29
C ASN A 474 6.52 4.83 14.07
N ASP A 475 7.10 5.30 15.17
CA ASP A 475 8.30 6.16 15.15
C ASP A 475 9.44 5.30 14.61
N THR A 476 10.52 5.96 14.23
CA THR A 476 11.79 5.28 13.92
C THR A 476 12.27 4.56 15.21
N ILE A 477 13.21 3.61 15.07
CA ILE A 477 13.73 2.87 16.24
C ILE A 477 14.28 3.90 17.23
N ARG A 478 15.05 4.86 16.75
CA ARG A 478 15.73 5.88 17.59
C ARG A 478 14.70 6.81 18.23
N GLY A 479 13.66 7.21 17.51
CA GLY A 479 12.61 8.03 18.12
C GLY A 479 11.84 7.30 19.18
N TRP A 480 11.45 6.08 18.88
CA TRP A 480 10.73 5.19 19.82
C TRP A 480 11.57 5.00 21.10
N TRP A 481 12.85 4.69 20.94
CA TRP A 481 13.80 4.55 22.07
C TRP A 481 13.78 5.81 22.96
N ASP A 482 13.82 6.98 22.32
CA ASP A 482 13.98 8.29 23.00
C ASP A 482 12.84 8.52 23.97
N THR A 483 11.62 8.08 23.66
CA THR A 483 10.40 8.32 24.48
C THR A 483 10.03 7.05 25.24
N LEU A 484 10.85 6.00 25.21
CA LEU A 484 10.44 4.72 25.84
C LEU A 484 10.64 4.82 27.35
N PRO A 485 9.68 4.40 28.20
CA PRO A 485 9.91 4.39 29.66
C PRO A 485 11.11 3.53 30.07
N GLN A 486 11.77 3.87 31.17
CA GLN A 486 13.01 3.18 31.64
C GLN A 486 12.78 1.67 31.83
N GLU A 487 11.65 1.26 32.41
CA GLU A 487 11.36 -0.14 32.70
C GLU A 487 11.33 -0.89 31.37
N GLU A 488 10.65 -0.34 30.35
CA GLU A 488 10.52 -1.02 29.04
C GLU A 488 11.89 -1.07 28.40
N LYS A 489 12.67 -0.01 28.51
CA LYS A 489 14.06 0.02 27.97
C LYS A 489 14.85 -1.13 28.58
N SER A 490 14.77 -1.30 29.90
CA SER A 490 15.53 -2.36 30.63
C SER A 490 15.09 -3.73 30.10
N ASN A 491 13.80 -3.88 29.83
CA ASN A 491 13.20 -5.12 29.31
C ASN A 491 13.76 -5.42 27.90
N VAL A 492 13.82 -4.40 27.06
CA VAL A 492 14.32 -4.54 25.67
C VAL A 492 15.77 -5.01 25.74
N LEU A 493 16.59 -4.34 26.56
CA LEU A 493 18.06 -4.59 26.56
C LEU A 493 18.32 -6.03 27.06
N LYS A 494 17.57 -6.46 28.07
CA LYS A 494 17.66 -7.83 28.66
C LYS A 494 17.26 -8.83 27.57
N TYR A 495 16.15 -8.58 26.87
CA TYR A 495 15.67 -9.51 25.83
C TYR A 495 16.75 -9.71 24.77
N LEU A 496 17.34 -8.62 24.28
CA LEU A 496 18.31 -8.70 23.16
C LEU A 496 19.72 -9.00 23.69
N SER A 497 19.84 -9.84 24.72
CA SER A 497 21.12 -10.42 25.21
C SER A 497 21.97 -9.30 25.81
N ASN A 498 21.34 -8.34 26.49
CA ASN A 498 22.05 -7.26 27.25
C ASN A 498 22.99 -6.46 26.32
N ILE A 499 22.55 -6.11 25.10
CA ILE A 499 23.31 -5.22 24.15
C ILE A 499 23.34 -3.84 24.82
N GLU A 500 24.21 -2.90 24.39
CA GLU A 500 24.23 -1.52 24.94
C GLU A 500 23.18 -0.64 24.24
N GLU A 501 22.66 0.33 24.99
CA GLU A 501 21.61 1.28 24.56
C GLU A 501 22.08 2.01 23.29
N GLU A 502 23.38 2.21 23.08
CA GLU A 502 23.93 2.97 21.92
C GLU A 502 23.76 2.14 20.65
N GLU A 503 23.48 0.84 20.78
CA GLU A 503 23.37 -0.05 19.62
C GLU A 503 21.94 -0.56 19.51
N ILE A 504 20.97 0.18 19.99
CA ILE A 504 19.56 -0.27 19.97
C ILE A 504 19.09 -0.49 18.52
N SER A 505 19.53 0.34 17.59
CA SER A 505 19.05 0.27 16.19
C SER A 505 19.55 -1.04 15.59
N ARG A 506 20.84 -1.29 15.72
CA ARG A 506 21.43 -2.56 15.25
C ARG A 506 20.69 -3.74 15.92
N GLY A 507 20.41 -3.66 17.22
CA GLY A 507 19.77 -4.75 17.98
C GLY A 507 18.37 -5.08 17.49
N LEU A 508 17.53 -4.10 17.22
CA LEU A 508 16.18 -4.33 16.64
C LEU A 508 16.27 -4.81 15.19
N ILE A 509 17.13 -4.21 14.36
CA ILE A 509 17.27 -4.65 12.96
C ILE A 509 17.70 -6.13 12.98
N GLU A 510 18.68 -6.48 13.81
CA GLU A 510 19.17 -7.88 13.84
C GLU A 510 18.07 -8.78 14.38
N GLY A 511 17.30 -8.28 15.34
CA GLY A 511 16.15 -8.99 15.91
C GLY A 511 15.16 -9.34 14.83
N ALA A 512 14.91 -8.42 13.89
CA ALA A 512 14.01 -8.73 12.74
C ALA A 512 14.70 -9.72 11.78
N VAL A 513 15.92 -9.44 11.36
CA VAL A 513 16.57 -10.28 10.31
C VAL A 513 16.77 -11.71 10.84
N SER A 514 17.11 -11.87 12.12
CA SER A 514 17.39 -13.21 12.75
C SER A 514 16.09 -13.94 13.16
N SER A 515 14.90 -13.37 12.93
CA SER A 515 13.59 -14.03 13.18
C SER A 515 13.40 -15.25 12.25
N VAL A 516 12.60 -16.23 12.67
CA VAL A 516 12.15 -17.33 11.80
C VAL A 516 11.16 -16.81 10.75
N ALA A 517 10.64 -15.59 10.92
CA ALA A 517 9.63 -15.07 9.98
C ALA A 517 10.26 -15.02 8.58
N ARG A 518 9.58 -15.54 7.58
CA ARG A 518 10.17 -15.67 6.23
C ARG A 518 10.41 -14.31 5.57
N ILE A 519 9.69 -13.25 5.95
CA ILE A 519 9.94 -11.85 5.43
C ILE A 519 10.24 -10.93 6.61
N ALA A 520 11.35 -10.21 6.51
CA ALA A 520 11.74 -9.13 7.43
C ALA A 520 11.81 -7.84 6.63
N ILE A 521 11.17 -6.81 7.17
CA ILE A 521 11.07 -5.49 6.52
C ILE A 521 11.58 -4.44 7.50
N ILE A 522 12.52 -3.65 7.01
CA ILE A 522 13.09 -2.50 7.73
C ILE A 522 12.72 -1.18 7.00
N PRO A 523 12.24 -0.18 7.75
CA PRO A 523 12.00 1.16 7.20
C PRO A 523 13.32 1.84 6.84
N MET A 524 13.33 2.52 5.70
CA MET A 524 14.60 3.18 5.23
C MET A 524 15.11 4.14 6.33
N GLN A 525 14.21 4.75 7.08
CA GLN A 525 14.60 5.76 8.15
C GLN A 525 15.55 5.08 9.17
N ASP A 526 15.37 3.79 9.47
CA ASP A 526 16.23 3.07 10.45
C ASP A 526 17.60 2.76 9.84
N VAL A 527 17.67 2.39 8.57
CA VAL A 527 18.94 2.19 7.86
C VAL A 527 19.72 3.52 7.92
N LEU A 528 19.06 4.65 7.78
CA LEU A 528 19.76 5.97 7.73
C LEU A 528 20.02 6.50 9.15
N GLY A 529 19.60 5.79 10.18
CA GLY A 529 19.83 6.19 11.58
C GLY A 529 19.03 7.41 12.02
N LEU A 530 17.84 7.64 11.48
CA LEU A 530 17.07 8.88 11.77
C LEU A 530 16.16 8.76 12.99
N GLY A 531 15.80 9.92 13.54
CA GLY A 531 14.97 10.09 14.75
C GLY A 531 13.55 10.48 14.40
N SER A 532 12.84 11.06 15.37
CA SER A 532 11.38 11.33 15.33
C SER A 532 10.97 12.33 14.24
N ASP A 533 11.90 13.20 13.82
CA ASP A 533 11.71 14.19 12.72
C ASP A 533 11.51 13.44 11.38
N SER A 534 11.73 12.14 11.33
CA SER A 534 11.65 11.34 10.09
C SER A 534 10.49 10.35 10.13
N ARG A 535 9.66 10.39 11.16
CA ARG A 535 8.51 9.48 11.27
C ARG A 535 7.56 9.74 10.10
N MET A 536 6.99 8.70 9.51
CA MET A 536 6.11 8.92 8.33
C MET A 536 4.70 9.32 8.77
N ASN A 537 4.12 8.61 9.73
CA ASN A 537 2.76 8.87 10.22
C ASN A 537 2.67 8.71 11.75
N ILE A 538 1.94 9.63 12.41
CA ILE A 538 1.42 9.50 13.83
C ILE A 538 -0.08 9.24 13.72
N PRO A 539 -0.68 7.94 13.87
CA PRO A 539 -2.22 7.29 13.77
C PRO A 539 -3.22 8.32 14.31
N ALA A 540 -2.85 9.11 15.32
CA ALA A 540 -3.90 9.99 15.88
C ALA A 540 -3.97 11.38 15.24
N THR A 541 -3.12 11.70 14.28
CA THR A 541 -3.05 13.12 13.87
C THR A 541 -3.56 13.41 12.45
N GLN A 542 -3.58 14.70 12.15
CA GLN A 542 -4.22 15.28 10.95
C GLN A 542 -3.20 16.03 10.07
N PHE A 543 -2.04 16.38 10.61
CA PHE A 543 -1.05 17.30 10.01
C PHE A 543 0.38 16.76 10.23
N GLY A 544 1.31 17.10 9.33
CA GLY A 544 2.73 16.73 9.46
C GLY A 544 3.01 15.35 8.89
N ASN A 545 2.01 14.64 8.37
CA ASN A 545 2.19 13.20 8.04
C ASN A 545 2.45 13.00 6.54
N TRP A 546 3.13 11.89 6.19
CA TRP A 546 3.30 11.39 4.80
C TRP A 546 4.30 12.27 4.06
N SER A 547 5.02 13.16 4.77
CA SER A 547 5.86 14.20 4.14
C SER A 547 7.37 13.94 4.19
N TRP A 548 7.83 12.96 4.98
CA TRP A 548 9.27 12.64 5.13
C TRP A 548 9.84 12.34 3.76
N ARG A 549 11.00 12.94 3.47
CA ARG A 549 11.86 12.60 2.33
C ARG A 549 13.26 12.33 2.84
N ILE A 550 13.94 11.43 2.16
CA ILE A 550 15.40 11.27 2.27
C ILE A 550 16.00 12.65 1.98
N PRO A 551 16.86 13.17 2.87
CA PRO A 551 17.43 14.51 2.68
C PRO A 551 18.21 14.59 1.37
N SER A 552 18.21 15.76 0.75
CA SER A 552 18.93 16.07 -0.51
C SER A 552 20.42 15.71 -0.40
N SER A 553 21.03 15.88 0.76
CA SER A 553 22.46 15.58 1.05
C SER A 553 22.73 14.08 1.05
N THR A 554 21.71 13.24 1.27
CA THR A 554 21.88 11.77 1.27
C THR A 554 21.63 11.26 -0.15
N SER A 555 22.59 10.60 -0.77
CA SER A 555 22.35 9.98 -2.09
C SER A 555 22.61 8.48 -1.96
N PHE A 556 21.89 7.69 -2.76
CA PHE A 556 22.02 6.22 -2.77
C PHE A 556 23.46 5.80 -3.06
N ASP A 557 24.21 6.54 -3.89
CA ASP A 557 25.62 6.15 -4.24
C ASP A 557 26.58 6.41 -3.07
N ASN A 558 26.16 7.14 -2.05
CA ASN A 558 26.96 7.35 -0.82
C ASN A 558 26.51 6.42 0.30
N LEU A 559 25.72 5.38 0.03
CA LEU A 559 25.23 4.52 1.15
C LEU A 559 25.81 3.09 1.00
N ASP A 560 27.03 2.97 0.53
CA ASP A 560 27.62 1.63 0.32
C ASP A 560 27.82 0.92 1.68
N ALA A 561 28.24 1.68 2.68
CA ALA A 561 28.52 1.20 4.06
C ALA A 561 27.24 0.62 4.70
N GLU A 562 26.12 1.33 4.56
CA GLU A 562 24.79 0.86 5.04
C GLU A 562 24.38 -0.43 4.30
N ALA A 563 24.59 -0.51 2.98
CA ALA A 563 24.24 -1.67 2.17
C ALA A 563 25.07 -2.88 2.64
N LYS A 564 26.36 -2.68 2.92
CA LYS A 564 27.23 -3.79 3.35
C LYS A 564 26.80 -4.28 4.73
N LYS A 565 26.50 -3.37 5.63
CA LYS A 565 26.13 -3.67 7.01
C LYS A 565 24.87 -4.54 6.98
N LEU A 566 23.88 -4.20 6.14
CA LEU A 566 22.64 -4.99 6.00
C LEU A 566 22.96 -6.32 5.31
N ARG A 567 23.70 -6.26 4.21
CA ARG A 567 24.05 -7.48 3.46
C ARG A 567 24.71 -8.55 4.36
N ASP A 568 25.61 -8.14 5.24
CA ASP A 568 26.34 -9.07 6.12
C ASP A 568 25.35 -9.80 7.06
N ILE A 569 24.41 -9.09 7.66
CA ILE A 569 23.43 -9.78 8.56
C ILE A 569 22.44 -10.58 7.74
N LEU A 570 22.08 -10.17 6.51
CA LEU A 570 21.20 -11.03 5.67
C LEU A 570 21.93 -12.36 5.38
N ALA A 571 23.25 -12.29 5.15
CA ALA A 571 24.07 -13.50 4.89
C ALA A 571 24.00 -14.41 6.13
N THR A 572 24.34 -13.86 7.29
CA THR A 572 24.39 -14.61 8.58
C THR A 572 23.05 -15.32 8.84
N TYR A 573 21.93 -14.64 8.62
CA TYR A 573 20.60 -15.12 9.01
C TYR A 573 19.85 -15.65 7.80
N GLY A 574 20.57 -16.01 6.73
CA GLY A 574 19.97 -16.81 5.63
C GLY A 574 18.88 -16.09 4.84
N ARG A 575 19.00 -14.77 4.60
CA ARG A 575 17.98 -14.05 3.77
C ARG A 575 18.57 -13.62 2.41
N LEU A 576 19.78 -14.05 2.10
CA LEU A 576 20.51 -13.61 0.90
C LEU A 576 20.29 -14.67 -0.16
#